data_5IIQ
#
_entry.id   5IIQ
#
_cell.length_a   92.041
_cell.length_b   92.041
_cell.length_c   301.732
_cell.angle_alpha   90.00
_cell.angle_beta   90.00
_cell.angle_gamma   120.00
#
_symmetry.space_group_name_H-M   'P 64 2 2'
#
loop_
_entity.id
_entity.type
_entity.pdbx_description
1 polymer 'Vacuolar transporter chaperone 4'
2 non-polymer 'SULFATE ION'
3 non-polymer 'PYROPHOSPHATE 2-'
#
_entity_poly.entity_id   1
_entity_poly.type   'polypeptide(L)'
_entity_poly.pdbx_seq_one_letter_code
;GAMGKFGEHLSKSLIRQYSYYYISYDDLKTELEDNLSKNNGQWTQELETDFLESLEIELDKVYTFCKVKHSEVFRRVKEV
QEQVQHTVRLLDSNNPPTQLDFEILEEELSDIIADVHDLAKFSRLNYTGFQKIIKKHDKKTGFILKPVFQVRLDSKPFFK
ENYDELVVKISQLYDIARTSGRPIKGDSSAGGKQQNFVRQTTKYWVHPDNITELKLIILKHLPVLVFNTNKEFEREDSAI
TSIYFDNENLDLYYGRLRKDEGAEAHRLRWYGGMSTDTIFVERKTHREDWTGEKSVKARFALKERHVNDFLKGKYTVDQV
FAKMRKEGKKPMNEIENLEALASEIQYVMLKKKLRPVVRSFYNRTAFQLPGDARVRISLDTELTMVREDNFDGVDRTHKN
WRRTDIGVDWPFKQLDDKDICRFPYAVLEVKLQTQLGQEPPEWVRELVGSHLVEPVPKFSKFIHGVATLLNDKVDSIPFW
LPQGS
;
_entity_poly.pdbx_strand_id   A
#
loop_
_chem_comp.id
_chem_comp.type
_chem_comp.name
_chem_comp.formula
POP non-polymer 'PYROPHOSPHATE 2-' 'H2 O7 P2 -2'
SO4 non-polymer 'SULFATE ION' 'O4 S -2'
#
# COMPACT_ATOMS: atom_id res chain seq x y z
N GLY A 4 -55.38 9.13 -18.25
CA GLY A 4 -56.81 9.28 -18.03
C GLY A 4 -57.24 8.76 -16.68
N LYS A 5 -57.81 7.54 -16.65
CA LYS A 5 -58.27 6.86 -15.45
C LYS A 5 -57.09 6.31 -14.63
N PHE A 6 -56.11 5.69 -15.33
CA PHE A 6 -54.88 5.15 -14.72
C PHE A 6 -53.94 6.27 -14.26
N GLY A 7 -54.05 7.43 -14.90
CA GLY A 7 -53.27 8.63 -14.62
C GLY A 7 -53.71 9.38 -13.37
N GLU A 8 -55.03 9.38 -13.09
CA GLU A 8 -55.64 10.04 -11.92
C GLU A 8 -55.58 9.14 -10.67
N HIS A 9 -55.68 7.80 -10.87
CA HIS A 9 -55.61 6.79 -9.79
C HIS A 9 -54.19 6.72 -9.23
N LEU A 10 -53.17 6.81 -10.10
CA LEU A 10 -51.74 6.81 -9.73
C LEU A 10 -51.33 8.17 -9.15
N SER A 11 -52.05 9.25 -9.54
CA SER A 11 -51.82 10.61 -9.06
C SER A 11 -52.08 10.73 -7.55
N LYS A 12 -52.95 9.85 -7.01
CA LYS A 12 -53.30 9.76 -5.58
C LYS A 12 -52.14 9.23 -4.72
N SER A 13 -51.03 8.79 -5.35
CA SER A 13 -49.83 8.31 -4.67
C SER A 13 -48.78 9.46 -4.55
N LEU A 14 -49.28 10.71 -4.46
CA LEU A 14 -48.48 11.93 -4.31
C LEU A 14 -47.86 12.05 -2.92
N ILE A 15 -46.84 12.90 -2.76
CA ILE A 15 -46.15 13.13 -1.49
C ILE A 15 -47.13 13.77 -0.49
N ARG A 16 -47.27 13.14 0.70
CA ARG A 16 -48.15 13.54 1.81
C ARG A 16 -48.19 15.06 2.07
N GLN A 17 -47.03 15.67 2.39
CA GLN A 17 -46.87 17.10 2.70
C GLN A 17 -47.35 18.04 1.59
N TYR A 18 -46.95 17.78 0.33
CA TYR A 18 -47.31 18.61 -0.82
C TYR A 18 -48.56 18.10 -1.56
N SER A 19 -49.72 18.70 -1.30
CA SER A 19 -50.97 18.32 -1.93
C SER A 19 -51.45 19.41 -2.89
N TYR A 20 -51.34 20.70 -2.49
CA TYR A 20 -51.75 21.84 -3.33
C TYR A 20 -50.75 22.12 -4.46
N TYR A 21 -49.44 22.26 -4.14
CA TYR A 21 -48.35 22.56 -5.08
C TYR A 21 -48.34 21.66 -6.35
N TYR A 22 -48.95 20.46 -6.23
CA TYR A 22 -49.12 19.40 -7.22
C TYR A 22 -50.07 19.82 -8.37
N ILE A 23 -50.00 19.12 -9.52
CA ILE A 23 -50.82 19.35 -10.71
C ILE A 23 -52.31 19.05 -10.44
N SER A 24 -53.20 19.89 -11.00
CA SER A 24 -54.64 19.73 -10.88
C SER A 24 -55.17 18.99 -12.13
N TYR A 25 -54.80 17.69 -12.25
CA TYR A 25 -55.16 16.77 -13.34
C TYR A 25 -56.67 16.60 -13.47
N ASP A 26 -57.36 16.36 -12.31
CA ASP A 26 -58.82 16.19 -12.23
C ASP A 26 -59.52 17.44 -12.78
N ASP A 27 -59.07 18.65 -12.35
CA ASP A 27 -59.56 19.96 -12.77
C ASP A 27 -59.41 20.23 -14.27
N LEU A 28 -58.37 19.65 -14.91
CA LEU A 28 -58.07 19.77 -16.35
C LEU A 28 -58.87 18.74 -17.17
N LYS A 29 -59.06 17.52 -16.60
CA LYS A 29 -59.85 16.42 -17.17
C LYS A 29 -61.34 16.82 -17.20
N THR A 30 -61.78 17.62 -16.20
CA THR A 30 -63.15 18.13 -16.12
C THR A 30 -63.35 19.20 -17.19
N GLU A 31 -62.37 20.12 -17.34
CA GLU A 31 -62.41 21.20 -18.34
C GLU A 31 -62.54 20.66 -19.78
N LEU A 32 -61.93 19.50 -20.07
CA LEU A 32 -61.99 18.85 -21.39
C LEU A 32 -63.36 18.21 -21.68
N GLU A 33 -63.91 17.45 -20.71
CA GLU A 33 -65.19 16.74 -20.81
C GLU A 33 -66.44 17.62 -20.71
N ASP A 34 -66.38 18.70 -19.90
CA ASP A 34 -67.48 19.65 -19.69
C ASP A 34 -67.67 20.62 -20.88
N ASN A 35 -66.56 21.08 -21.49
CA ASN A 35 -66.57 21.99 -22.65
C ASN A 35 -67.03 21.27 -23.93
N LEU A 36 -66.63 19.99 -24.11
CA LEU A 36 -67.00 19.15 -25.25
C LEU A 36 -68.47 18.74 -25.22
N SER A 37 -69.00 18.35 -24.03
CA SER A 37 -70.40 17.97 -23.82
C SER A 37 -71.33 19.14 -24.15
N LYS A 38 -70.91 20.37 -23.77
CA LYS A 38 -71.59 21.65 -24.03
C LYS A 38 -71.71 21.93 -25.54
N ASN A 39 -70.67 21.59 -26.33
CA ASN A 39 -70.62 21.84 -27.78
C ASN A 39 -70.83 20.59 -28.64
N ASN A 40 -71.47 19.54 -28.06
CA ASN A 40 -71.81 18.26 -28.69
C ASN A 40 -70.61 17.58 -29.36
N GLY A 41 -69.59 17.27 -28.54
CA GLY A 41 -68.34 16.61 -28.93
C GLY A 41 -67.50 17.39 -29.94
N GLN A 42 -67.50 18.75 -29.81
CA GLN A 42 -66.76 19.64 -30.72
C GLN A 42 -65.90 20.68 -29.99
N TRP A 43 -64.64 20.82 -30.44
CA TRP A 43 -63.65 21.76 -29.92
C TRP A 43 -63.49 22.93 -30.88
N THR A 44 -63.24 24.15 -30.35
CA THR A 44 -63.10 25.36 -31.16
C THR A 44 -61.80 26.13 -30.83
N GLN A 45 -61.50 27.19 -31.61
CA GLN A 45 -60.35 28.10 -31.44
C GLN A 45 -60.40 28.71 -30.02
N GLU A 46 -61.61 29.11 -29.58
CA GLU A 46 -61.91 29.71 -28.28
C GLU A 46 -61.62 28.74 -27.10
N LEU A 47 -62.14 27.51 -27.17
CA LEU A 47 -61.97 26.47 -26.15
C LEU A 47 -60.49 26.09 -25.95
N GLU A 48 -59.72 26.00 -27.08
CA GLU A 48 -58.29 25.67 -27.12
C GLU A 48 -57.43 26.74 -26.42
N THR A 49 -57.64 28.04 -26.73
CA THR A 49 -56.92 29.16 -26.13
C THR A 49 -57.18 29.23 -24.61
N ASP A 50 -58.43 28.90 -24.19
CA ASP A 50 -58.85 28.86 -22.79
C ASP A 50 -58.27 27.65 -22.06
N PHE A 51 -58.09 26.51 -22.76
CA PHE A 51 -57.48 25.31 -22.18
C PHE A 51 -55.95 25.47 -22.12
N LEU A 52 -55.37 26.19 -23.10
CA LEU A 52 -53.92 26.48 -23.14
C LEU A 52 -53.55 27.49 -22.04
N GLU A 53 -54.54 28.27 -21.55
CA GLU A 53 -54.43 29.23 -20.46
C GLU A 53 -54.30 28.49 -19.13
N SER A 54 -55.18 27.47 -18.91
CA SER A 54 -55.26 26.61 -17.72
C SER A 54 -53.98 25.81 -17.53
N LEU A 55 -53.40 25.33 -18.64
CA LEU A 55 -52.17 24.57 -18.66
C LEU A 55 -50.96 25.46 -18.37
N GLU A 56 -50.96 26.71 -18.89
CA GLU A 56 -49.88 27.68 -18.67
C GLU A 56 -49.93 28.23 -17.22
N ILE A 57 -51.11 28.14 -16.57
CA ILE A 57 -51.31 28.55 -15.18
C ILE A 57 -50.67 27.50 -14.25
N GLU A 58 -50.91 26.20 -14.54
CA GLU A 58 -50.35 25.08 -13.79
C GLU A 58 -48.84 24.89 -14.02
N LEU A 59 -48.36 25.08 -15.28
CA LEU A 59 -46.93 24.98 -15.65
C LEU A 59 -46.11 26.03 -14.88
N ASP A 60 -46.61 27.28 -14.79
CA ASP A 60 -45.95 28.39 -14.09
C ASP A 60 -45.96 28.16 -12.58
N LYS A 61 -47.04 27.53 -12.06
CA LYS A 61 -47.23 27.17 -10.65
C LYS A 61 -46.17 26.14 -10.22
N VAL A 62 -46.00 25.09 -11.05
CA VAL A 62 -45.04 23.99 -10.85
C VAL A 62 -43.61 24.48 -11.00
N TYR A 63 -43.27 25.13 -12.14
CA TYR A 63 -41.93 25.63 -12.44
C TYR A 63 -41.32 26.51 -11.35
N THR A 64 -42.14 27.38 -10.74
CA THR A 64 -41.71 28.29 -9.68
C THR A 64 -41.55 27.57 -8.33
N PHE A 65 -42.52 26.70 -7.92
CA PHE A 65 -42.43 25.93 -6.67
C PHE A 65 -41.13 25.13 -6.65
N CYS A 66 -40.86 24.43 -7.77
CA CYS A 66 -39.68 23.59 -8.00
C CYS A 66 -38.41 24.45 -8.03
N LYS A 67 -38.50 25.75 -8.43
CA LYS A 67 -37.39 26.71 -8.45
C LYS A 67 -37.07 27.19 -7.02
N VAL A 68 -38.07 27.06 -6.10
CA VAL A 68 -37.97 27.41 -4.68
C VAL A 68 -37.38 26.24 -3.90
N LYS A 69 -38.07 25.07 -3.94
CA LYS A 69 -37.64 23.86 -3.24
C LYS A 69 -36.26 23.37 -3.71
N HIS A 70 -35.92 23.62 -5.00
CA HIS A 70 -34.61 23.29 -5.57
C HIS A 70 -33.52 24.11 -4.90
N SER A 71 -33.75 25.43 -4.73
CA SER A 71 -32.83 26.35 -4.07
C SER A 71 -32.78 26.11 -2.54
N GLU A 72 -33.92 25.69 -1.93
CA GLU A 72 -34.11 25.35 -0.51
C GLU A 72 -33.29 24.10 -0.12
N VAL A 73 -33.29 23.06 -0.99
CA VAL A 73 -32.50 21.83 -0.76
C VAL A 73 -31.04 22.10 -1.09
N PHE A 74 -30.78 23.02 -2.05
CA PHE A 74 -29.42 23.40 -2.41
C PHE A 74 -28.83 24.27 -1.31
N ARG A 75 -29.69 24.94 -0.51
CA ARG A 75 -29.28 25.75 0.64
C ARG A 75 -28.69 24.83 1.69
N ARG A 76 -29.43 23.77 2.08
CA ARG A 76 -28.96 22.78 3.05
C ARG A 76 -27.63 22.15 2.60
N VAL A 77 -27.43 22.00 1.28
CA VAL A 77 -26.22 21.46 0.68
C VAL A 77 -25.06 22.42 0.91
N LYS A 78 -25.23 23.71 0.54
CA LYS A 78 -24.23 24.78 0.70
C LYS A 78 -23.79 24.90 2.16
N GLU A 79 -24.78 24.85 3.09
CA GLU A 79 -24.63 24.90 4.53
C GLU A 79 -23.83 23.75 5.12
N VAL A 80 -24.00 22.53 4.59
CA VAL A 80 -23.27 21.38 5.08
C VAL A 80 -21.92 21.26 4.38
N GLN A 81 -21.87 21.61 3.08
CA GLN A 81 -20.62 21.60 2.30
C GLN A 81 -19.62 22.49 3.02
N GLU A 82 -20.07 23.70 3.44
CA GLU A 82 -19.30 24.69 4.21
C GLU A 82 -18.88 24.15 5.58
N GLN A 83 -19.84 23.62 6.37
CA GLN A 83 -19.58 23.08 7.71
C GLN A 83 -18.62 21.88 7.71
N VAL A 84 -18.72 21.01 6.69
CA VAL A 84 -17.86 19.83 6.53
C VAL A 84 -16.43 20.27 6.17
N GLN A 85 -16.29 21.22 5.22
CA GLN A 85 -14.99 21.75 4.77
C GLN A 85 -14.21 22.44 5.88
N HIS A 86 -14.92 23.08 6.84
CA HIS A 86 -14.33 23.75 8.02
C HIS A 86 -13.95 22.71 9.09
N THR A 87 -14.76 21.64 9.27
CA THR A 87 -14.49 20.53 10.21
C THR A 87 -13.13 19.90 9.89
N VAL A 88 -12.87 19.64 8.58
CA VAL A 88 -11.62 19.05 8.04
C VAL A 88 -10.42 19.96 8.38
N ARG A 89 -10.60 21.30 8.23
CA ARG A 89 -9.57 22.29 8.54
C ARG A 89 -9.19 22.24 10.03
N LEU A 90 -10.19 21.98 10.90
CA LEU A 90 -10.06 21.90 12.36
C LEU A 90 -9.43 20.58 12.87
N LEU A 91 -9.09 19.63 11.98
CA LEU A 91 -8.47 18.36 12.37
C LEU A 91 -7.03 18.55 12.83
N ASP A 92 -6.30 19.48 12.18
CA ASP A 92 -4.88 19.77 12.47
C ASP A 92 -4.68 20.88 13.52
N SER A 93 -5.62 21.84 13.60
CA SER A 93 -5.57 23.00 14.49
C SER A 93 -5.74 22.67 16.00
N ASN A 94 -5.48 23.70 16.85
CA ASN A 94 -5.56 23.67 18.32
C ASN A 94 -6.92 23.22 18.88
N ASN A 95 -8.01 23.53 18.18
CA ASN A 95 -9.39 23.16 18.54
C ASN A 95 -9.81 21.95 17.66
N PRO A 96 -9.77 20.71 18.19
CA PRO A 96 -10.06 19.53 17.35
C PRO A 96 -11.53 19.08 17.25
N PRO A 97 -11.95 18.41 16.13
CA PRO A 97 -13.35 17.95 16.03
C PRO A 97 -13.54 16.50 16.49
N THR A 98 -14.31 16.32 17.59
CA THR A 98 -14.58 14.99 18.18
C THR A 98 -15.57 14.19 17.33
N GLN A 99 -15.77 12.90 17.69
CA GLN A 99 -16.70 12.00 16.98
C GLN A 99 -18.17 12.46 17.09
N LEU A 100 -18.50 13.24 18.15
CA LEU A 100 -19.84 13.80 18.39
C LEU A 100 -20.24 14.74 17.23
N ASP A 101 -19.26 15.48 16.69
CA ASP A 101 -19.41 16.45 15.59
C ASP A 101 -19.85 15.80 14.28
N PHE A 102 -19.18 14.69 13.88
CA PHE A 102 -19.45 13.93 12.66
C PHE A 102 -20.81 13.25 12.66
N GLU A 103 -21.26 12.77 13.84
CA GLU A 103 -22.56 12.13 14.03
C GLU A 103 -23.70 13.07 13.65
N ILE A 104 -23.57 14.37 14.00
CA ILE A 104 -24.53 15.44 13.70
C ILE A 104 -24.50 15.73 12.19
N LEU A 105 -23.29 15.90 11.62
CA LEU A 105 -23.07 16.17 10.20
C LEU A 105 -23.73 15.10 9.35
N GLU A 106 -23.55 13.81 9.71
CA GLU A 106 -24.19 12.67 9.03
C GLU A 106 -25.71 12.78 9.12
N GLU A 107 -26.24 13.08 10.34
CA GLU A 107 -27.67 13.23 10.63
C GLU A 107 -28.31 14.27 9.74
N GLU A 108 -27.58 15.36 9.46
CA GLU A 108 -28.05 16.45 8.62
C GLU A 108 -28.07 16.04 7.14
N LEU A 109 -27.05 15.27 6.70
CA LEU A 109 -26.97 14.78 5.31
C LEU A 109 -28.13 13.85 5.01
N SER A 110 -28.40 12.88 5.92
CA SER A 110 -29.53 11.95 5.83
C SER A 110 -30.85 12.70 5.60
N ASP A 111 -31.01 13.86 6.27
CA ASP A 111 -32.18 14.74 6.15
C ASP A 111 -32.27 15.38 4.77
N ILE A 112 -31.11 15.76 4.17
CA ILE A 112 -31.05 16.35 2.82
C ILE A 112 -31.33 15.25 1.79
N ILE A 113 -30.85 14.02 2.05
CA ILE A 113 -31.08 12.85 1.20
C ILE A 113 -32.59 12.66 1.05
N ALA A 114 -33.33 12.79 2.18
CA ALA A 114 -34.78 12.67 2.23
C ALA A 114 -35.45 13.73 1.36
N ASP A 115 -34.93 14.97 1.40
CA ASP A 115 -35.44 16.11 0.65
C ASP A 115 -35.18 16.01 -0.86
N VAL A 116 -33.93 15.64 -1.26
CA VAL A 116 -33.55 15.44 -2.67
C VAL A 116 -34.48 14.38 -3.28
N HIS A 117 -34.71 13.28 -2.53
CA HIS A 117 -35.62 12.20 -2.90
C HIS A 117 -37.03 12.76 -3.18
N ASP A 118 -37.58 13.53 -2.23
CA ASP A 118 -38.91 14.12 -2.34
C ASP A 118 -39.03 15.13 -3.48
N LEU A 119 -37.96 15.92 -3.74
CA LEU A 119 -37.91 16.90 -4.82
C LEU A 119 -37.94 16.20 -6.16
N ALA A 120 -37.13 15.13 -6.30
CA ALA A 120 -37.00 14.30 -7.50
C ALA A 120 -38.29 13.55 -7.82
N LYS A 121 -38.97 12.99 -6.79
CA LYS A 121 -40.23 12.27 -6.94
C LYS A 121 -41.35 13.19 -7.42
N PHE A 122 -41.38 14.43 -6.90
CA PHE A 122 -42.35 15.46 -7.23
C PHE A 122 -42.19 16.00 -8.66
N SER A 123 -40.96 16.45 -9.04
CA SER A 123 -40.63 17.02 -10.37
C SER A 123 -41.08 16.08 -11.49
N ARG A 124 -40.75 14.81 -11.31
CA ARG A 124 -41.04 13.72 -12.21
C ARG A 124 -42.54 13.38 -12.25
N LEU A 125 -43.21 13.22 -11.08
CA LEU A 125 -44.63 12.90 -11.03
C LEU A 125 -45.45 13.92 -11.82
N ASN A 126 -45.15 15.22 -11.62
CA ASN A 126 -45.80 16.38 -12.25
C ASN A 126 -45.59 16.39 -13.76
N TYR A 127 -44.33 16.16 -14.23
CA TYR A 127 -43.97 16.13 -15.65
C TYR A 127 -44.70 15.01 -16.38
N THR A 128 -44.94 13.88 -15.70
CA THR A 128 -45.69 12.73 -16.22
C THR A 128 -47.17 13.13 -16.43
N GLY A 129 -47.72 13.88 -15.46
CA GLY A 129 -49.08 14.39 -15.48
C GLY A 129 -49.35 15.29 -16.66
N PHE A 130 -48.49 16.30 -16.87
CA PHE A 130 -48.53 17.24 -18.00
C PHE A 130 -48.47 16.50 -19.34
N GLN A 131 -47.61 15.46 -19.43
CA GLN A 131 -47.46 14.62 -20.62
C GLN A 131 -48.75 13.81 -20.86
N LYS A 132 -49.35 13.29 -19.77
CA LYS A 132 -50.58 12.51 -19.83
C LYS A 132 -51.78 13.35 -20.23
N ILE A 133 -51.86 14.60 -19.73
CA ILE A 133 -52.99 15.50 -20.02
C ILE A 133 -52.93 16.02 -21.47
N ILE A 134 -51.73 16.34 -22.00
CA ILE A 134 -51.60 16.83 -23.39
C ILE A 134 -51.98 15.70 -24.37
N LYS A 135 -51.57 14.44 -24.06
CA LYS A 135 -51.84 13.23 -24.84
C LYS A 135 -53.34 12.90 -24.84
N LYS A 136 -54.04 13.16 -23.71
CA LYS A 136 -55.48 12.92 -23.61
C LYS A 136 -56.29 13.99 -24.37
N HIS A 137 -55.84 15.27 -24.31
CA HIS A 137 -56.48 16.40 -24.99
C HIS A 137 -56.44 16.23 -26.53
N ASP A 138 -55.23 15.97 -27.09
CA ASP A 138 -54.97 15.76 -28.53
C ASP A 138 -55.73 14.56 -29.08
N LYS A 139 -56.10 13.59 -28.21
CA LYS A 139 -56.84 12.39 -28.58
C LYS A 139 -58.35 12.71 -28.63
N LYS A 140 -58.91 13.25 -27.54
CA LYS A 140 -60.33 13.59 -27.43
C LYS A 140 -60.78 14.73 -28.36
N THR A 141 -59.84 15.62 -28.77
CA THR A 141 -60.09 16.73 -29.70
C THR A 141 -59.15 16.56 -30.89
N GLY A 142 -59.45 17.20 -32.01
CA GLY A 142 -58.58 17.13 -33.19
C GLY A 142 -57.47 18.16 -33.19
N PHE A 143 -57.35 18.89 -32.07
CA PHE A 143 -56.40 19.99 -31.86
C PHE A 143 -55.01 19.51 -31.45
N ILE A 144 -53.98 20.08 -32.10
CA ILE A 144 -52.56 19.77 -31.90
C ILE A 144 -51.98 20.69 -30.80
N LEU A 145 -51.56 20.08 -29.69
CA LEU A 145 -51.04 20.80 -28.54
C LEU A 145 -49.69 20.28 -28.00
N LYS A 146 -49.35 19.01 -28.30
CA LYS A 146 -48.09 18.37 -27.89
C LYS A 146 -46.83 19.18 -28.27
N PRO A 147 -46.57 19.54 -29.56
CA PRO A 147 -45.34 20.31 -29.85
C PRO A 147 -45.40 21.77 -29.44
N VAL A 148 -46.63 22.34 -29.34
CA VAL A 148 -46.87 23.72 -28.91
C VAL A 148 -46.49 23.83 -27.43
N PHE A 149 -47.02 22.91 -26.61
CA PHE A 149 -46.80 22.90 -25.17
C PHE A 149 -45.41 22.47 -24.77
N GLN A 150 -44.74 21.66 -25.62
CA GLN A 150 -43.38 21.20 -25.34
C GLN A 150 -42.41 22.37 -25.29
N VAL A 151 -42.58 23.35 -26.22
CA VAL A 151 -41.82 24.61 -26.30
C VAL A 151 -41.94 25.33 -24.95
N ARG A 152 -43.18 25.42 -24.42
CA ARG A 152 -43.52 26.04 -23.14
C ARG A 152 -42.91 25.30 -21.95
N LEU A 153 -42.86 23.95 -21.99
CA LEU A 153 -42.28 23.11 -20.94
C LEU A 153 -40.74 23.20 -20.95
N ASP A 154 -40.11 23.16 -22.14
CA ASP A 154 -38.65 23.24 -22.33
C ASP A 154 -38.09 24.61 -21.93
N SER A 155 -38.88 25.69 -22.09
CA SER A 155 -38.49 27.05 -21.73
C SER A 155 -38.54 27.24 -20.19
N LYS A 156 -39.33 26.40 -19.49
CA LYS A 156 -39.50 26.41 -18.05
C LYS A 156 -39.22 24.99 -17.47
N PRO A 157 -37.95 24.51 -17.44
CA PRO A 157 -37.69 23.14 -16.95
C PRO A 157 -37.46 22.98 -15.45
N PHE A 158 -38.17 21.99 -14.87
CA PHE A 158 -38.13 21.58 -13.46
C PHE A 158 -37.83 20.07 -13.43
N PHE A 159 -38.12 19.43 -14.56
CA PHE A 159 -37.96 18.02 -14.86
C PHE A 159 -36.58 17.72 -15.42
N LYS A 160 -35.90 18.75 -15.98
CA LYS A 160 -34.57 18.62 -16.58
C LYS A 160 -33.44 18.50 -15.54
N GLU A 161 -33.76 18.68 -14.22
CA GLU A 161 -32.84 18.58 -13.10
C GLU A 161 -32.14 17.21 -13.11
N ASN A 162 -30.82 17.23 -13.39
CA ASN A 162 -29.99 16.03 -13.52
C ASN A 162 -29.74 15.31 -12.19
N TYR A 163 -29.53 16.09 -11.09
CA TYR A 163 -29.22 15.64 -9.73
C TYR A 163 -27.93 14.84 -9.63
N ASP A 164 -27.33 14.49 -10.77
CA ASP A 164 -26.09 13.72 -10.92
C ASP A 164 -24.93 14.29 -10.12
N GLU A 165 -24.77 15.63 -10.16
CA GLU A 165 -23.68 16.34 -9.46
C GLU A 165 -23.97 16.52 -7.97
N LEU A 166 -25.28 16.72 -7.62
CA LEU A 166 -25.79 16.87 -6.26
C LEU A 166 -25.60 15.56 -5.50
N VAL A 167 -26.03 14.43 -6.10
CA VAL A 167 -25.89 13.08 -5.55
C VAL A 167 -24.41 12.77 -5.29
N VAL A 168 -23.51 13.08 -6.27
CA VAL A 168 -22.07 12.83 -6.14
C VAL A 168 -21.50 13.64 -4.99
N LYS A 169 -21.90 14.93 -4.87
CA LYS A 169 -21.45 15.81 -3.78
C LYS A 169 -21.96 15.29 -2.43
N ILE A 170 -23.25 14.90 -2.32
CA ILE A 170 -23.82 14.36 -1.08
C ILE A 170 -23.01 13.14 -0.63
N SER A 171 -22.66 12.24 -1.56
CA SER A 171 -21.86 11.06 -1.22
C SER A 171 -20.48 11.46 -0.72
N GLN A 172 -19.86 12.49 -1.34
CA GLN A 172 -18.52 12.93 -0.97
C GLN A 172 -18.49 13.45 0.43
N LEU A 173 -19.51 14.24 0.81
CA LEU A 173 -19.68 14.85 2.14
C LEU A 173 -20.00 13.78 3.17
N TYR A 174 -20.86 12.81 2.80
CA TYR A 174 -21.29 11.71 3.65
C TYR A 174 -20.14 10.78 3.97
N ASP A 175 -19.20 10.65 3.02
CA ASP A 175 -18.02 9.81 3.20
C ASP A 175 -17.11 10.38 4.28
N ILE A 176 -17.00 11.72 4.37
CA ILE A 176 -16.21 12.40 5.39
C ILE A 176 -16.79 12.03 6.77
N ALA A 177 -18.11 12.15 6.94
CA ALA A 177 -18.82 11.77 8.17
C ALA A 177 -18.66 10.26 8.50
N ARG A 178 -18.65 9.41 7.44
CA ARG A 178 -18.49 7.96 7.56
C ARG A 178 -17.08 7.63 8.06
N THR A 179 -16.05 8.27 7.44
CA THR A 179 -14.62 8.06 7.73
C THR A 179 -14.14 8.97 8.89
N SER A 180 -15.08 9.65 9.55
CA SER A 180 -14.87 10.53 10.70
C SER A 180 -13.58 11.39 10.59
N GLY A 181 -13.39 12.00 9.41
CA GLY A 181 -12.24 12.85 9.13
C GLY A 181 -11.67 12.73 7.74
N ARG A 182 -10.37 13.03 7.60
CA ARG A 182 -9.63 12.98 6.34
C ARG A 182 -9.47 11.56 5.69
N PRO A 183 -9.29 10.42 6.43
CA PRO A 183 -9.11 9.13 5.75
C PRO A 183 -10.25 8.75 4.81
N ASN A 196 -3.07 -1.41 9.96
CA ASN A 196 -2.12 -0.59 10.71
C ASN A 196 -1.67 -1.30 11.99
N PHE A 197 -0.35 -1.49 12.15
CA PHE A 197 0.26 -2.18 13.29
C PHE A 197 1.62 -1.56 13.68
N VAL A 198 2.24 -2.10 14.74
CA VAL A 198 3.54 -1.66 15.23
C VAL A 198 4.58 -2.79 15.08
N ARG A 199 5.73 -2.44 14.49
CA ARG A 199 6.86 -3.35 14.25
C ARG A 199 7.83 -3.31 15.44
N GLN A 200 8.54 -4.43 15.67
CA GLN A 200 9.55 -4.61 16.70
C GLN A 200 10.52 -5.69 16.26
N THR A 201 11.83 -5.44 16.40
CA THR A 201 12.90 -6.38 16.07
C THR A 201 13.87 -6.44 17.25
N THR A 202 14.01 -7.63 17.87
CA THR A 202 14.92 -7.84 19.00
C THR A 202 15.88 -8.98 18.70
N LYS A 203 17.12 -8.82 19.14
CA LYS A 203 18.19 -9.80 18.99
C LYS A 203 18.63 -10.30 20.36
N TYR A 204 18.88 -11.61 20.47
CA TYR A 204 19.27 -12.25 21.72
C TYR A 204 20.42 -13.20 21.50
N TRP A 205 21.29 -13.36 22.49
CA TRP A 205 22.36 -14.36 22.39
C TRP A 205 21.77 -15.66 22.91
N VAL A 206 22.16 -16.77 22.29
CA VAL A 206 21.70 -18.11 22.70
C VAL A 206 22.95 -18.93 22.88
N HIS A 207 23.07 -19.60 24.03
CA HIS A 207 24.23 -20.44 24.28
C HIS A 207 24.08 -21.73 23.47
N PRO A 208 25.17 -22.28 22.87
CA PRO A 208 25.05 -23.48 22.03
C PRO A 208 24.36 -24.69 22.65
N ASP A 209 24.22 -24.71 23.98
CA ASP A 209 23.55 -25.79 24.69
C ASP A 209 22.03 -25.75 24.48
N ASN A 210 21.50 -24.58 24.14
CA ASN A 210 20.08 -24.35 23.99
C ASN A 210 19.54 -24.30 22.55
N ILE A 211 20.45 -24.30 21.54
CA ILE A 211 20.10 -24.25 20.11
C ILE A 211 18.97 -25.24 19.79
N THR A 212 19.11 -26.52 20.18
CA THR A 212 18.10 -27.56 19.92
C THR A 212 16.80 -27.31 20.71
N GLU A 213 16.87 -27.22 22.05
CA GLU A 213 15.70 -26.99 22.91
C GLU A 213 14.86 -25.85 22.33
N LEU A 214 15.51 -24.68 22.14
CA LEU A 214 14.90 -23.48 21.58
C LEU A 214 14.29 -23.78 20.21
N LYS A 215 15.00 -24.53 19.35
CA LYS A 215 14.50 -24.90 18.02
C LYS A 215 13.22 -25.69 18.14
N LEU A 216 13.16 -26.64 19.09
CA LEU A 216 12.00 -27.51 19.30
C LEU A 216 10.80 -26.74 19.84
N ILE A 217 11.06 -25.74 20.70
CA ILE A 217 10.02 -24.91 21.30
C ILE A 217 9.30 -24.13 20.20
N ILE A 218 10.05 -23.30 19.44
CA ILE A 218 9.56 -22.47 18.32
C ILE A 218 8.78 -23.30 17.30
N LEU A 219 9.31 -24.48 16.96
CA LEU A 219 8.80 -25.49 16.02
C LEU A 219 7.30 -25.75 16.16
N LYS A 220 6.81 -25.94 17.42
CA LYS A 220 5.41 -26.20 17.80
C LYS A 220 4.48 -25.10 17.31
N HIS A 221 4.91 -23.83 17.50
CA HIS A 221 4.18 -22.62 17.15
C HIS A 221 4.39 -22.24 15.69
N LEU A 222 5.65 -21.96 15.30
CA LEU A 222 5.98 -21.56 13.93
C LEU A 222 6.77 -22.66 13.21
N PRO A 223 6.40 -23.00 11.95
CA PRO A 223 7.15 -24.04 11.23
C PRO A 223 8.49 -23.51 10.69
N VAL A 224 9.46 -24.41 10.47
CA VAL A 224 10.76 -24.04 9.89
C VAL A 224 10.52 -23.73 8.42
N LEU A 225 10.97 -22.56 7.96
CA LEU A 225 10.84 -22.15 6.57
C LEU A 225 11.88 -22.88 5.72
N VAL A 226 11.38 -23.73 4.80
CA VAL A 226 12.18 -24.55 3.88
C VAL A 226 11.90 -24.07 2.45
N PHE A 227 12.96 -23.70 1.70
CA PHE A 227 12.82 -23.28 0.30
C PHE A 227 12.75 -24.57 -0.57
N ASN A 228 11.93 -24.54 -1.66
CA ASN A 228 11.77 -25.68 -2.59
C ASN A 228 13.07 -25.90 -3.39
N THR A 229 14.04 -26.58 -2.75
CA THR A 229 15.42 -26.83 -3.19
C THR A 229 15.59 -27.90 -4.29
N ASN A 230 14.49 -28.28 -5.01
CA ASN A 230 14.50 -29.31 -6.09
C ASN A 230 14.96 -30.72 -5.61
N LYS A 231 15.28 -30.82 -4.29
CA LYS A 231 15.71 -32.00 -3.53
C LYS A 231 15.39 -31.76 -2.03
N GLU A 232 15.33 -32.84 -1.24
CA GLU A 232 15.03 -32.80 0.21
C GLU A 232 16.13 -32.04 1.00
N PHE A 233 15.79 -31.60 2.23
CA PHE A 233 16.71 -30.85 3.08
C PHE A 233 17.96 -31.61 3.48
N GLU A 234 19.09 -30.88 3.44
CA GLU A 234 20.46 -31.21 3.83
C GLU A 234 20.96 -30.01 4.64
N ARG A 235 21.82 -30.25 5.66
CA ARG A 235 22.41 -29.18 6.51
C ARG A 235 22.95 -28.04 5.66
N GLU A 236 23.55 -28.39 4.50
CA GLU A 236 24.14 -27.52 3.47
C GLU A 236 23.22 -26.37 3.13
N ASP A 237 21.92 -26.66 2.95
CA ASP A 237 20.86 -25.74 2.54
C ASP A 237 20.59 -24.55 3.47
N SER A 238 21.19 -24.52 4.66
CA SER A 238 20.99 -23.40 5.60
C SER A 238 22.21 -22.47 5.73
N ALA A 239 23.30 -22.79 5.01
CA ALA A 239 24.55 -22.05 5.03
C ALA A 239 24.48 -20.68 4.36
N ILE A 240 24.88 -19.64 5.08
CA ILE A 240 24.98 -18.28 4.52
C ILE A 240 26.44 -17.84 4.62
N THR A 241 27.17 -17.93 3.50
CA THR A 241 28.59 -17.56 3.39
C THR A 241 28.67 -16.21 2.70
N SER A 242 29.45 -15.27 3.26
CA SER A 242 29.58 -13.92 2.71
C SER A 242 31.04 -13.42 2.76
N ILE A 243 31.69 -13.29 1.60
CA ILE A 243 33.07 -12.82 1.54
C ILE A 243 33.12 -11.28 1.55
N TYR A 244 33.65 -10.68 2.63
CA TYR A 244 33.77 -9.23 2.76
C TYR A 244 35.04 -8.71 2.12
N PHE A 245 34.92 -7.60 1.42
CA PHE A 245 36.00 -6.95 0.72
C PHE A 245 36.41 -5.66 1.43
N ASP A 246 37.72 -5.45 1.48
CA ASP A 246 38.37 -4.28 2.03
C ASP A 246 39.76 -4.23 1.40
N ASN A 247 40.50 -3.11 1.58
CA ASN A 247 41.87 -2.99 1.04
C ASN A 247 42.94 -3.20 2.11
N GLU A 248 44.23 -3.03 1.69
CA GLU A 248 45.43 -3.12 2.53
C GLU A 248 45.32 -2.20 3.73
N ASN A 249 44.92 -0.92 3.53
CA ASN A 249 44.78 0.08 4.58
C ASN A 249 43.51 -0.08 5.43
N LEU A 250 42.68 -1.09 5.12
CA LEU A 250 41.41 -1.43 5.79
C LEU A 250 40.44 -0.20 5.90
N ASP A 251 40.39 0.60 4.83
CA ASP A 251 39.55 1.79 4.67
C ASP A 251 38.08 1.53 5.00
N LEU A 252 37.47 0.50 4.38
CA LEU A 252 36.06 0.17 4.58
C LEU A 252 35.74 -0.17 6.01
N TYR A 253 36.62 -0.92 6.70
CA TYR A 253 36.49 -1.35 8.11
C TYR A 253 36.38 -0.14 9.03
N TYR A 254 37.35 0.78 8.96
CA TYR A 254 37.36 1.99 9.78
C TYR A 254 36.09 2.84 9.57
N GLY A 255 35.63 2.95 8.33
CA GLY A 255 34.44 3.70 7.96
C GLY A 255 33.19 3.16 8.64
N ARG A 256 33.01 1.85 8.62
CA ARG A 256 31.89 1.17 9.25
C ARG A 256 32.05 1.25 10.77
N LEU A 257 33.31 1.14 11.26
CA LEU A 257 33.66 1.19 12.67
C LEU A 257 33.34 2.54 13.32
N ARG A 258 33.69 3.66 12.66
CA ARG A 258 33.42 5.02 13.15
C ARG A 258 32.00 5.49 12.75
N LYS A 259 31.20 4.57 12.13
CA LYS A 259 29.84 4.78 11.64
C LYS A 259 29.79 6.03 10.74
N ASP A 260 30.75 6.13 9.81
CA ASP A 260 30.87 7.26 8.87
C ASP A 260 29.64 7.38 8.02
N GLU A 261 29.28 8.61 7.66
CA GLU A 261 28.17 8.84 6.78
C GLU A 261 28.58 8.29 5.40
N GLY A 262 27.67 7.53 4.79
CA GLY A 262 27.84 6.90 3.49
C GLY A 262 28.82 5.76 3.46
N ALA A 263 29.22 5.23 4.65
CA ALA A 263 30.18 4.14 4.78
C ALA A 263 29.70 2.86 4.13
N GLU A 264 30.37 2.47 3.05
CA GLU A 264 30.04 1.26 2.33
C GLU A 264 30.75 0.03 2.88
N ALA A 265 30.09 -1.11 2.79
CA ALA A 265 30.62 -2.42 3.13
C ALA A 265 30.24 -3.28 1.92
N HIS A 266 31.20 -4.02 1.37
CA HIS A 266 31.02 -4.83 0.18
C HIS A 266 31.21 -6.28 0.50
N ARG A 267 30.25 -7.11 0.10
CA ARG A 267 30.33 -8.55 0.37
C ARG A 267 29.76 -9.39 -0.75
N LEU A 268 30.33 -10.59 -0.96
CA LEU A 268 29.90 -11.52 -2.00
C LEU A 268 29.32 -12.75 -1.31
N ARG A 269 27.98 -12.88 -1.38
CA ARG A 269 27.20 -13.88 -0.67
C ARG A 269 26.61 -15.04 -1.52
N TRP A 270 26.62 -16.25 -0.94
CA TRP A 270 26.01 -17.42 -1.54
C TRP A 270 25.27 -18.23 -0.50
N TYR A 271 24.08 -18.72 -0.87
CA TYR A 271 23.23 -19.50 0.01
C TYR A 271 23.44 -20.97 -0.27
N GLY A 272 23.44 -21.78 0.78
CA GLY A 272 23.63 -23.21 0.64
C GLY A 272 25.08 -23.64 0.43
N GLY A 273 25.26 -24.87 -0.01
CA GLY A 273 26.57 -25.49 -0.23
C GLY A 273 27.36 -24.94 -1.40
N MET A 274 28.39 -25.70 -1.79
CA MET A 274 29.30 -25.31 -2.88
C MET A 274 28.73 -25.48 -4.27
N SER A 275 27.67 -26.30 -4.40
CA SER A 275 26.98 -26.56 -5.66
C SER A 275 26.34 -25.28 -6.21
N THR A 276 26.01 -24.30 -5.34
CA THR A 276 25.42 -23.00 -5.69
C THR A 276 26.32 -22.20 -6.63
N ASP A 277 25.74 -21.75 -7.76
CA ASP A 277 26.40 -20.98 -8.82
C ASP A 277 25.97 -19.50 -8.81
N THR A 278 24.81 -19.17 -8.21
CA THR A 278 24.34 -17.79 -8.11
C THR A 278 24.95 -17.14 -6.86
N ILE A 279 25.76 -16.09 -7.11
CA ILE A 279 26.49 -15.31 -6.11
C ILE A 279 25.87 -13.92 -6.07
N PHE A 280 25.52 -13.44 -4.87
CA PHE A 280 24.96 -12.12 -4.67
C PHE A 280 26.02 -11.08 -4.36
N VAL A 281 26.15 -10.09 -5.25
CA VAL A 281 27.11 -9.02 -5.04
C VAL A 281 26.37 -7.95 -4.23
N GLU A 282 26.56 -7.98 -2.90
CA GLU A 282 25.89 -7.08 -1.97
C GLU A 282 26.72 -5.85 -1.56
N ARG A 283 26.03 -4.76 -1.19
CA ARG A 283 26.63 -3.53 -0.70
C ARG A 283 25.74 -2.88 0.36
N LYS A 284 26.32 -2.53 1.51
CA LYS A 284 25.59 -1.85 2.57
C LYS A 284 26.09 -0.40 2.69
N THR A 285 25.18 0.58 2.61
CA THR A 285 25.55 1.99 2.76
C THR A 285 25.02 2.48 4.11
N HIS A 286 25.92 2.95 5.01
CA HIS A 286 25.52 3.47 6.32
C HIS A 286 25.08 4.90 6.19
N ARG A 287 23.90 5.21 6.71
CA ARG A 287 23.37 6.56 6.71
C ARG A 287 23.17 7.02 8.15
N GLU A 288 23.84 8.12 8.50
CA GLU A 288 23.80 8.74 9.84
C GLU A 288 22.43 9.37 10.09
N ASP A 289 21.84 9.13 11.29
CA ASP A 289 20.52 9.63 11.68
C ASP A 289 20.30 11.12 11.41
N TRP A 290 21.36 11.94 11.51
CA TRP A 290 21.27 13.37 11.25
C TRP A 290 20.87 13.68 9.80
N THR A 291 21.04 12.72 8.87
CA THR A 291 20.65 12.92 7.47
C THR A 291 19.13 12.79 7.34
N GLY A 292 18.55 11.98 8.25
CA GLY A 292 17.13 11.67 8.29
C GLY A 292 16.78 10.49 7.41
N GLU A 293 17.79 10.00 6.66
CA GLU A 293 17.63 8.87 5.75
C GLU A 293 18.16 7.57 6.36
N LYS A 294 17.45 6.47 6.10
CA LYS A 294 17.79 5.14 6.59
C LYS A 294 18.93 4.55 5.75
N SER A 295 19.70 3.63 6.35
CA SER A 295 20.79 2.91 5.69
C SER A 295 20.20 1.96 4.65
N VAL A 296 20.94 1.68 3.56
CA VAL A 296 20.42 0.80 2.50
C VAL A 296 21.28 -0.46 2.32
N LYS A 297 20.67 -1.49 1.71
CA LYS A 297 21.28 -2.76 1.35
C LYS A 297 20.84 -3.00 -0.11
N ALA A 298 21.79 -3.18 -1.02
CA ALA A 298 21.48 -3.37 -2.42
C ALA A 298 22.30 -4.51 -2.95
N ARG A 299 21.73 -5.28 -3.90
CA ARG A 299 22.44 -6.43 -4.46
C ARG A 299 22.03 -6.81 -5.87
N PHE A 300 22.93 -7.46 -6.59
CA PHE A 300 22.65 -8.00 -7.92
C PHE A 300 23.21 -9.43 -7.98
N ALA A 301 22.48 -10.33 -8.66
CA ALA A 301 22.91 -11.72 -8.77
C ALA A 301 23.94 -11.86 -9.89
N LEU A 302 24.84 -12.85 -9.77
CA LEU A 302 25.91 -13.09 -10.74
C LEU A 302 26.36 -14.56 -10.71
N LYS A 303 26.59 -15.15 -11.88
CA LYS A 303 27.05 -16.54 -11.99
C LYS A 303 28.51 -16.57 -11.49
N GLU A 304 28.89 -17.63 -10.74
CA GLU A 304 30.22 -17.81 -10.13
C GLU A 304 31.34 -17.78 -11.15
N ARG A 305 31.09 -18.34 -12.36
CA ARG A 305 32.06 -18.37 -13.45
C ARG A 305 32.45 -16.96 -13.98
N HIS A 306 31.69 -15.92 -13.60
CA HIS A 306 31.91 -14.54 -14.03
C HIS A 306 32.48 -13.60 -12.96
N VAL A 307 32.44 -14.00 -11.67
CA VAL A 307 32.85 -13.21 -10.50
C VAL A 307 34.28 -12.63 -10.62
N ASN A 308 35.32 -13.50 -10.73
CA ASN A 308 36.73 -13.08 -10.84
C ASN A 308 36.94 -12.09 -11.96
N ASP A 309 36.37 -12.38 -13.15
CA ASP A 309 36.47 -11.54 -14.34
C ASP A 309 35.77 -10.18 -14.15
N PHE A 310 34.60 -10.16 -13.45
CA PHE A 310 33.84 -8.94 -13.16
C PHE A 310 34.63 -8.00 -12.23
N LEU A 311 35.14 -8.53 -11.11
CA LEU A 311 35.93 -7.77 -10.12
C LEU A 311 37.20 -7.13 -10.74
N LYS A 312 37.76 -7.75 -11.81
CA LYS A 312 38.94 -7.26 -12.53
C LYS A 312 38.54 -6.04 -13.37
N GLY A 313 37.36 -6.13 -13.98
CA GLY A 313 36.81 -5.16 -14.91
C GLY A 313 36.61 -5.78 -16.27
N LYS A 314 37.13 -7.03 -16.44
CA LYS A 314 37.08 -7.83 -17.66
C LYS A 314 35.68 -8.20 -18.10
N TYR A 315 34.76 -8.40 -17.14
CA TYR A 315 33.36 -8.72 -17.43
C TYR A 315 32.53 -7.49 -17.10
N THR A 316 32.16 -6.75 -18.14
CA THR A 316 31.43 -5.48 -18.08
C THR A 316 30.01 -5.62 -17.55
N VAL A 317 29.47 -4.53 -17.00
CA VAL A 317 28.11 -4.42 -16.46
C VAL A 317 27.08 -4.73 -17.55
N ASP A 318 27.36 -4.29 -18.80
CA ASP A 318 26.48 -4.54 -19.93
C ASP A 318 26.40 -6.04 -20.27
N GLN A 319 27.51 -6.79 -20.05
CA GLN A 319 27.56 -8.23 -20.25
C GLN A 319 26.82 -8.93 -19.13
N VAL A 320 26.91 -8.37 -17.90
CA VAL A 320 26.30 -8.90 -16.68
C VAL A 320 24.79 -9.01 -16.85
N PHE A 321 24.14 -7.93 -17.29
CA PHE A 321 22.69 -7.83 -17.41
C PHE A 321 22.10 -8.15 -18.79
N ALA A 322 22.95 -8.54 -19.78
CA ALA A 322 22.50 -8.87 -21.14
C ALA A 322 21.35 -9.88 -21.19
N LYS A 323 21.44 -10.95 -20.38
CA LYS A 323 20.43 -12.00 -20.28
C LYS A 323 19.11 -11.48 -19.69
N MET A 324 19.19 -10.62 -18.65
CA MET A 324 18.02 -10.03 -17.98
C MET A 324 17.25 -9.12 -18.93
N ARG A 325 17.98 -8.33 -19.74
CA ARG A 325 17.41 -7.42 -20.74
C ARG A 325 16.68 -8.26 -21.80
N LYS A 326 17.33 -9.33 -22.28
CA LYS A 326 16.76 -10.25 -23.26
C LYS A 326 15.58 -11.06 -22.71
N GLU A 327 15.57 -11.33 -21.39
CA GLU A 327 14.50 -12.10 -20.73
C GLU A 327 13.15 -11.39 -20.77
N GLY A 328 13.18 -10.07 -20.56
CA GLY A 328 11.97 -9.24 -20.61
C GLY A 328 11.07 -9.28 -19.39
N LYS A 329 11.44 -10.04 -18.34
CA LYS A 329 10.62 -10.15 -17.13
C LYS A 329 10.64 -8.88 -16.27
N LYS A 330 11.81 -8.22 -16.17
CA LYS A 330 12.04 -7.03 -15.36
C LYS A 330 11.85 -5.70 -16.15
N PRO A 331 11.19 -4.65 -15.57
CA PRO A 331 11.07 -3.37 -16.28
C PRO A 331 12.44 -2.71 -16.43
N MET A 332 12.69 -2.08 -17.59
CA MET A 332 13.96 -1.42 -17.91
C MET A 332 14.42 -0.46 -16.81
N ASN A 333 13.47 0.21 -16.14
CA ASN A 333 13.76 1.14 -15.06
C ASN A 333 14.49 0.44 -13.91
N GLU A 334 14.07 -0.79 -13.57
CA GLU A 334 14.69 -1.61 -12.53
C GLU A 334 16.07 -2.08 -12.98
N ILE A 335 16.17 -2.58 -14.24
CA ILE A 335 17.41 -3.07 -14.86
C ILE A 335 18.46 -1.96 -14.84
N GLU A 336 18.07 -0.74 -15.26
CA GLU A 336 18.93 0.44 -15.28
C GLU A 336 19.44 0.81 -13.88
N ASN A 337 18.64 0.54 -12.82
CA ASN A 337 19.04 0.79 -11.43
C ASN A 337 20.05 -0.26 -10.96
N LEU A 338 19.82 -1.54 -11.35
CA LEU A 338 20.71 -2.66 -11.05
C LEU A 338 22.04 -2.48 -11.79
N GLU A 339 21.98 -1.93 -13.02
CA GLU A 339 23.16 -1.64 -13.85
C GLU A 339 23.98 -0.53 -13.19
N ALA A 340 23.31 0.54 -12.70
CA ALA A 340 23.95 1.65 -11.98
C ALA A 340 24.61 1.13 -10.71
N LEU A 341 23.95 0.17 -10.03
CA LEU A 341 24.47 -0.47 -8.82
C LEU A 341 25.77 -1.20 -9.14
N ALA A 342 25.72 -2.22 -10.04
CA ALA A 342 26.87 -3.01 -10.48
C ALA A 342 28.05 -2.14 -10.91
N SER A 343 27.77 -1.06 -11.66
CA SER A 343 28.75 -0.09 -12.14
C SER A 343 29.53 0.58 -10.99
N GLU A 344 28.80 0.99 -9.94
CA GLU A 344 29.33 1.64 -8.73
C GLU A 344 30.19 0.66 -7.93
N ILE A 345 29.69 -0.59 -7.74
CA ILE A 345 30.39 -1.66 -7.03
C ILE A 345 31.67 -1.98 -7.80
N GLN A 346 31.58 -2.06 -9.16
CA GLN A 346 32.75 -2.30 -9.99
C GLN A 346 33.79 -1.17 -9.85
N TYR A 347 33.33 0.11 -9.81
CA TYR A 347 34.20 1.28 -9.66
C TYR A 347 34.98 1.28 -8.36
N VAL A 348 34.30 0.97 -7.24
CA VAL A 348 34.90 0.96 -5.89
C VAL A 348 35.97 -0.14 -5.76
N MET A 349 35.66 -1.38 -6.16
CA MET A 349 36.59 -2.53 -6.12
C MET A 349 37.96 -2.18 -6.74
N LEU A 350 37.93 -1.48 -7.88
CA LEU A 350 39.11 -1.07 -8.62
C LEU A 350 39.81 0.16 -8.01
N LYS A 351 39.08 1.29 -7.83
CA LYS A 351 39.60 2.56 -7.30
C LYS A 351 40.14 2.43 -5.87
N LYS A 352 39.48 1.60 -5.04
CA LYS A 352 39.88 1.39 -3.65
C LYS A 352 40.78 0.15 -3.48
N LYS A 353 41.05 -0.59 -4.60
CA LYS A 353 41.89 -1.81 -4.66
C LYS A 353 41.47 -2.87 -3.63
N LEU A 354 40.15 -3.11 -3.53
CA LEU A 354 39.57 -4.05 -2.58
C LEU A 354 39.91 -5.49 -2.92
N ARG A 355 40.05 -6.32 -1.91
CA ARG A 355 40.37 -7.74 -2.04
C ARG A 355 39.61 -8.56 -0.99
N PRO A 356 39.42 -9.90 -1.19
CA PRO A 356 38.77 -10.71 -0.13
C PRO A 356 39.56 -10.56 1.16
N VAL A 357 38.89 -10.18 2.24
CA VAL A 357 39.56 -9.94 3.51
C VAL A 357 39.06 -10.89 4.61
N VAL A 358 37.74 -10.94 4.83
CA VAL A 358 37.19 -11.78 5.88
C VAL A 358 35.86 -12.47 5.42
N ARG A 359 35.74 -13.77 5.70
CA ARG A 359 34.57 -14.56 5.37
C ARG A 359 33.71 -14.68 6.59
N SER A 360 32.39 -14.47 6.41
CA SER A 360 31.43 -14.67 7.48
C SER A 360 30.58 -15.85 7.07
N PHE A 361 30.45 -16.82 7.98
CA PHE A 361 29.63 -18.03 7.81
C PHE A 361 28.73 -18.18 9.03
N TYR A 362 27.51 -18.67 8.80
CA TYR A 362 26.53 -19.02 9.82
C TYR A 362 25.43 -19.81 9.16
N ASN A 363 24.71 -20.66 9.94
CA ASN A 363 23.57 -21.42 9.45
C ASN A 363 22.30 -20.74 9.92
N ARG A 364 21.39 -20.42 8.98
CA ARG A 364 20.12 -19.77 9.33
C ARG A 364 18.90 -20.72 9.29
N THR A 365 18.13 -20.75 10.40
CA THR A 365 16.86 -21.48 10.52
C THR A 365 15.79 -20.42 10.71
N ALA A 366 14.89 -20.25 9.73
CA ALA A 366 13.81 -19.27 9.76
C ALA A 366 12.54 -19.95 10.23
N PHE A 367 11.70 -19.22 10.97
CA PHE A 367 10.43 -19.74 11.46
C PHE A 367 9.32 -18.74 11.21
N GLN A 368 8.35 -19.12 10.36
CA GLN A 368 7.20 -18.27 10.04
C GLN A 368 5.99 -19.07 9.56
N LEU A 369 4.79 -18.62 9.97
CA LEU A 369 3.52 -19.20 9.52
C LEU A 369 3.17 -18.55 8.18
N PRO A 370 2.86 -19.33 7.12
CA PRO A 370 2.52 -18.73 5.81
C PRO A 370 1.42 -17.66 5.87
N GLY A 371 1.75 -16.46 5.40
CA GLY A 371 0.86 -15.31 5.37
C GLY A 371 0.51 -14.72 6.73
N ASP A 372 1.40 -14.94 7.73
CA ASP A 372 1.26 -14.44 9.10
C ASP A 372 2.58 -13.77 9.49
N ALA A 373 2.50 -12.52 9.96
CA ALA A 373 3.69 -11.76 10.33
C ALA A 373 3.67 -11.26 11.77
N ARG A 374 2.65 -11.68 12.56
CA ARG A 374 2.49 -11.33 13.98
C ARG A 374 3.80 -11.62 14.74
N VAL A 375 4.39 -12.80 14.46
CA VAL A 375 5.66 -13.30 14.98
C VAL A 375 6.39 -13.98 13.82
N ARG A 376 7.70 -13.70 13.69
CA ARG A 376 8.63 -14.26 12.72
C ARG A 376 10.00 -14.35 13.42
N ILE A 377 10.51 -15.57 13.58
CA ILE A 377 11.78 -15.83 14.26
C ILE A 377 12.81 -16.37 13.30
N SER A 378 14.10 -16.10 13.57
CA SER A 378 15.26 -16.61 12.81
C SER A 378 16.40 -16.92 13.79
N LEU A 379 17.12 -18.00 13.54
CA LEU A 379 18.21 -18.39 14.42
C LEU A 379 19.48 -18.66 13.62
N ASP A 380 20.51 -17.83 13.85
CA ASP A 380 21.80 -17.94 13.18
C ASP A 380 22.73 -18.66 14.12
N THR A 381 23.22 -19.83 13.68
CA THR A 381 24.08 -20.71 14.47
C THR A 381 25.41 -20.92 13.77
N GLU A 382 26.41 -21.44 14.51
CA GLU A 382 27.77 -21.70 14.04
C GLU A 382 28.41 -20.45 13.43
N LEU A 383 28.29 -19.31 14.14
CA LEU A 383 28.84 -18.03 13.68
C LEU A 383 30.35 -18.16 13.59
N THR A 384 30.89 -17.96 12.38
CA THR A 384 32.32 -18.15 12.11
C THR A 384 32.88 -17.03 11.23
N MET A 385 34.09 -16.60 11.57
CA MET A 385 34.83 -15.62 10.77
C MET A 385 36.13 -16.26 10.39
N VAL A 386 36.43 -16.28 9.09
CA VAL A 386 37.63 -16.90 8.50
C VAL A 386 38.43 -15.85 7.69
N ARG A 387 39.76 -15.95 7.69
CA ARG A 387 40.63 -15.02 6.95
C ARG A 387 40.60 -15.34 5.48
N GLU A 388 40.51 -14.29 4.66
CA GLU A 388 40.51 -14.42 3.21
C GLU A 388 41.66 -13.64 2.61
N ASP A 389 42.23 -12.74 3.43
CA ASP A 389 43.34 -11.83 3.11
C ASP A 389 44.68 -12.50 2.79
N ASN A 390 45.67 -11.66 2.46
CA ASN A 390 47.08 -12.00 2.18
C ASN A 390 48.00 -10.96 2.86
N PHE A 391 47.45 -10.28 3.87
CA PHE A 391 48.12 -9.22 4.62
C PHE A 391 49.32 -9.70 5.45
N ASP A 392 49.38 -11.02 5.77
CA ASP A 392 50.50 -11.62 6.52
C ASP A 392 51.53 -12.32 5.60
N GLY A 393 51.38 -12.12 4.28
CA GLY A 393 52.24 -12.71 3.26
C GLY A 393 51.62 -13.93 2.60
N VAL A 394 50.96 -14.79 3.41
CA VAL A 394 50.27 -16.02 3.00
C VAL A 394 49.13 -15.68 2.04
N ASP A 395 49.21 -16.20 0.80
CA ASP A 395 48.17 -16.02 -0.21
C ASP A 395 47.09 -17.09 0.06
N ARG A 396 45.92 -16.67 0.55
CA ARG A 396 44.84 -17.59 0.89
C ARG A 396 43.91 -17.90 -0.28
N THR A 397 43.53 -16.87 -1.04
CA THR A 397 42.62 -16.99 -2.18
C THR A 397 43.27 -17.57 -3.42
N HIS A 398 44.56 -17.21 -3.68
CA HIS A 398 45.35 -17.58 -4.85
C HIS A 398 44.72 -16.93 -6.07
N LYS A 399 44.70 -15.58 -6.07
CA LYS A 399 44.12 -14.73 -7.12
C LYS A 399 42.60 -15.01 -7.37
N ASN A 400 41.91 -15.67 -6.40
CA ASN A 400 40.47 -15.96 -6.47
C ASN A 400 39.66 -15.05 -5.53
N TRP A 401 38.31 -15.06 -5.68
CA TRP A 401 37.41 -14.23 -4.88
C TRP A 401 37.07 -14.82 -3.50
N ARG A 402 37.52 -16.08 -3.26
CA ARG A 402 37.29 -16.86 -2.03
C ARG A 402 38.29 -18.03 -1.96
N ARG A 403 38.60 -18.50 -0.74
CA ARG A 403 39.51 -19.63 -0.62
C ARG A 403 38.78 -20.92 -0.93
N THR A 404 39.46 -21.82 -1.61
CA THR A 404 38.91 -23.08 -2.12
C THR A 404 39.30 -24.32 -1.28
N ASP A 405 40.01 -24.10 -0.15
CA ASP A 405 40.44 -25.15 0.77
C ASP A 405 39.35 -25.47 1.80
N ILE A 406 38.23 -24.72 1.75
CA ILE A 406 37.06 -24.83 2.61
C ILE A 406 35.77 -24.63 1.79
N GLY A 407 34.69 -25.19 2.29
CA GLY A 407 33.37 -25.06 1.70
C GLY A 407 32.42 -24.47 2.73
N VAL A 408 31.39 -25.24 3.07
CA VAL A 408 30.45 -24.86 4.12
C VAL A 408 30.63 -25.86 5.28
N ASP A 409 31.70 -26.69 5.18
CA ASP A 409 32.09 -27.77 6.09
C ASP A 409 32.58 -27.26 7.46
N TRP A 410 31.66 -26.67 8.21
CA TRP A 410 31.88 -26.18 9.56
C TRP A 410 32.17 -27.42 10.45
N PRO A 411 33.07 -27.39 11.47
CA PRO A 411 33.83 -26.27 12.04
C PRO A 411 35.16 -25.90 11.33
N PHE A 412 35.32 -26.27 10.05
CA PHE A 412 36.51 -26.01 9.23
C PHE A 412 37.80 -26.33 9.98
N LYS A 413 37.90 -27.58 10.49
CA LYS A 413 39.03 -28.11 11.27
C LYS A 413 40.37 -27.94 10.53
N GLN A 414 40.38 -28.11 9.20
CA GLN A 414 41.56 -27.98 8.33
C GLN A 414 42.27 -26.65 8.45
N LEU A 415 41.56 -25.59 8.85
CA LEU A 415 42.09 -24.22 8.97
C LEU A 415 43.01 -24.01 10.15
N ASP A 416 44.04 -23.16 9.94
CA ASP A 416 44.97 -22.75 10.98
C ASP A 416 44.18 -21.99 12.03
N ASP A 417 44.41 -22.30 13.31
CA ASP A 417 43.71 -21.72 14.46
C ASP A 417 43.61 -20.19 14.42
N LYS A 418 44.68 -19.50 13.96
CA LYS A 418 44.74 -18.04 13.85
C LYS A 418 43.98 -17.44 12.62
N ASP A 419 43.41 -18.30 11.75
CA ASP A 419 42.65 -17.88 10.55
C ASP A 419 41.14 -17.95 10.80
N ILE A 420 40.71 -18.69 11.82
CA ILE A 420 39.31 -18.90 12.11
C ILE A 420 38.92 -18.40 13.51
N CYS A 421 37.70 -17.91 13.64
CA CYS A 421 37.12 -17.43 14.88
C CYS A 421 35.73 -18.01 15.03
N ARG A 422 35.61 -19.14 15.75
CA ARG A 422 34.31 -19.77 15.97
C ARG A 422 33.61 -19.05 17.13
N PHE A 423 32.70 -18.11 16.81
CA PHE A 423 31.94 -17.29 17.76
C PHE A 423 31.18 -18.14 18.79
N PRO A 424 31.33 -17.82 20.09
CA PRO A 424 30.73 -18.65 21.15
C PRO A 424 29.21 -18.72 21.25
N TYR A 425 28.47 -17.77 20.66
CA TYR A 425 27.01 -17.76 20.76
C TYR A 425 26.29 -17.80 19.44
N ALA A 426 24.97 -18.02 19.52
CA ALA A 426 24.03 -18.05 18.39
C ALA A 426 23.13 -16.80 18.47
N VAL A 427 22.57 -16.36 17.35
CA VAL A 427 21.73 -15.17 17.38
C VAL A 427 20.29 -15.50 17.09
N LEU A 428 19.41 -15.14 18.03
CA LEU A 428 17.97 -15.31 17.85
C LEU A 428 17.37 -13.94 17.58
N GLU A 429 16.72 -13.78 16.41
CA GLU A 429 16.04 -12.55 16.04
C GLU A 429 14.53 -12.77 16.01
N VAL A 430 13.80 -11.98 16.84
CA VAL A 430 12.35 -12.03 16.91
C VAL A 430 11.78 -10.73 16.27
N LYS A 431 11.01 -10.90 15.18
CA LYS A 431 10.39 -9.80 14.46
C LYS A 431 8.87 -9.84 14.67
N LEU A 432 8.37 -8.84 15.42
CA LEU A 432 6.95 -8.68 15.70
C LEU A 432 6.34 -7.63 14.79
N GLN A 433 5.04 -7.80 14.54
CA GLN A 433 4.12 -6.93 13.80
C GLN A 433 2.81 -7.07 14.56
N THR A 434 2.68 -6.26 15.63
CA THR A 434 1.55 -6.28 16.54
C THR A 434 0.54 -5.18 16.22
N GLN A 435 -0.71 -5.58 15.87
CA GLN A 435 -1.82 -4.68 15.57
C GLN A 435 -2.17 -3.93 16.86
N LEU A 436 -2.34 -2.60 16.75
CA LEU A 436 -2.64 -1.70 17.87
C LEU A 436 -3.84 -2.15 18.71
N GLY A 437 -3.69 -2.06 20.03
CA GLY A 437 -4.69 -2.49 20.99
C GLY A 437 -4.45 -3.91 21.48
N GLN A 438 -3.96 -4.77 20.57
CA GLN A 438 -3.62 -6.18 20.81
C GLN A 438 -2.19 -6.32 21.39
N GLU A 439 -1.89 -7.51 21.94
CA GLU A 439 -0.61 -7.85 22.56
C GLU A 439 0.12 -8.94 21.75
N PRO A 440 1.46 -9.12 21.90
CA PRO A 440 2.12 -10.24 21.20
C PRO A 440 1.74 -11.56 21.89
N PRO A 441 1.80 -12.71 21.18
CA PRO A 441 1.43 -14.00 21.82
C PRO A 441 2.20 -14.29 23.11
N GLU A 442 1.52 -14.88 24.10
CA GLU A 442 2.11 -15.18 25.40
C GLU A 442 3.31 -16.12 25.29
N TRP A 443 3.30 -17.03 24.29
CA TRP A 443 4.40 -17.98 24.07
C TRP A 443 5.73 -17.28 23.75
N VAL A 444 5.65 -16.14 23.03
CA VAL A 444 6.80 -15.33 22.66
C VAL A 444 7.30 -14.61 23.90
N ARG A 445 6.39 -13.95 24.65
CA ARG A 445 6.71 -13.23 25.89
C ARG A 445 7.39 -14.17 26.92
N GLU A 446 6.89 -15.42 27.01
CA GLU A 446 7.43 -16.43 27.92
C GLU A 446 8.82 -16.93 27.53
N LEU A 447 9.05 -17.12 26.20
CA LEU A 447 10.30 -17.61 25.62
C LEU A 447 11.44 -16.61 25.81
N VAL A 448 11.20 -15.38 25.36
CA VAL A 448 12.07 -14.21 25.45
C VAL A 448 12.49 -13.93 26.91
N GLY A 449 11.58 -14.17 27.85
CA GLY A 449 11.84 -13.98 29.27
C GLY A 449 12.47 -15.17 29.96
N SER A 450 12.70 -16.28 29.21
CA SER A 450 13.28 -17.51 29.75
C SER A 450 14.81 -17.55 29.78
N HIS A 451 15.35 -18.59 30.44
CA HIS A 451 16.78 -18.90 30.61
C HIS A 451 17.48 -19.28 29.30
N LEU A 452 16.71 -19.47 28.19
CA LEU A 452 17.22 -19.86 26.87
C LEU A 452 17.87 -18.73 26.12
N VAL A 453 17.27 -17.54 26.18
CA VAL A 453 17.76 -16.34 25.52
C VAL A 453 18.29 -15.29 26.52
N GLU A 454 19.25 -14.48 26.07
CA GLU A 454 19.91 -13.38 26.80
C GLU A 454 19.70 -12.08 25.99
N PRO A 455 19.27 -10.95 26.59
CA PRO A 455 19.07 -9.71 25.78
C PRO A 455 20.38 -9.05 25.34
N VAL A 456 20.49 -8.62 24.04
CA VAL A 456 21.71 -8.00 23.50
C VAL A 456 21.50 -7.16 22.18
N PRO A 457 22.30 -6.09 21.90
CA PRO A 457 22.11 -5.35 20.64
C PRO A 457 22.94 -5.91 19.49
N LYS A 458 22.49 -5.68 18.23
CA LYS A 458 23.16 -6.12 17.00
C LYS A 458 24.65 -5.66 16.92
N PHE A 459 25.50 -6.54 16.35
CA PHE A 459 26.95 -6.34 16.15
C PHE A 459 27.29 -6.67 14.69
N SER A 460 28.46 -6.23 14.21
CA SER A 460 28.87 -6.49 12.84
C SER A 460 29.82 -7.67 12.78
N LYS A 461 29.52 -8.64 11.90
CA LYS A 461 30.35 -9.82 11.68
C LYS A 461 31.64 -9.43 10.94
N PHE A 462 31.59 -8.36 10.12
CA PHE A 462 32.74 -7.83 9.38
C PHE A 462 33.74 -7.21 10.36
N ILE A 463 33.29 -6.25 11.18
CA ILE A 463 34.10 -5.57 12.19
C ILE A 463 34.65 -6.60 13.19
N HIS A 464 33.80 -7.47 13.76
CA HIS A 464 34.27 -8.50 14.69
C HIS A 464 35.37 -9.37 14.07
N GLY A 465 35.15 -9.81 12.83
CA GLY A 465 36.11 -10.63 12.10
C GLY A 465 37.44 -9.96 11.88
N VAL A 466 37.44 -8.70 11.40
CA VAL A 466 38.67 -7.95 11.14
C VAL A 466 39.42 -7.65 12.44
N ALA A 467 38.72 -7.18 13.47
CA ALA A 467 39.32 -6.88 14.77
C ALA A 467 39.90 -8.14 15.43
N THR A 468 39.22 -9.30 15.29
CA THR A 468 39.71 -10.55 15.88
C THR A 468 40.91 -11.15 15.12
N LEU A 469 40.70 -11.51 13.86
CA LEU A 469 41.68 -12.18 13.00
C LEU A 469 42.80 -11.29 12.51
N LEU A 470 42.56 -9.96 12.38
CA LEU A 470 43.60 -9.03 11.95
C LEU A 470 43.97 -8.01 13.06
N ASN A 471 43.98 -8.49 14.32
CA ASN A 471 44.26 -7.75 15.55
C ASN A 471 45.52 -6.91 15.46
N ASP A 472 46.59 -7.50 14.90
CA ASP A 472 47.93 -6.94 14.67
C ASP A 472 47.92 -5.76 13.68
N LYS A 473 47.01 -5.78 12.69
CA LYS A 473 46.89 -4.75 11.64
C LYS A 473 46.03 -3.55 12.07
N VAL A 474 45.04 -3.78 12.94
CA VAL A 474 44.10 -2.74 13.40
C VAL A 474 44.57 -2.01 14.66
N ASP A 475 44.25 -0.70 14.75
CA ASP A 475 44.54 0.14 15.91
C ASP A 475 43.29 0.35 16.78
N SER A 476 42.09 0.45 16.15
CA SER A 476 40.81 0.60 16.84
C SER A 476 40.09 -0.74 16.94
N ILE A 477 39.92 -1.23 18.19
CA ILE A 477 39.32 -2.51 18.57
C ILE A 477 38.14 -2.27 19.57
N PRO A 478 36.84 -2.44 19.16
CA PRO A 478 35.72 -2.23 20.10
C PRO A 478 35.51 -3.28 21.22
S SO4 B . 27.90 -5.84 8.49
O1 SO4 B . 27.97 -6.98 9.43
O2 SO4 B . 29.06 -4.96 8.61
O3 SO4 B . 27.83 -6.37 7.14
O4 SO4 B . 26.71 -5.03 8.77
S SO4 C . 18.77 2.55 10.15
O1 SO4 C . 20.04 3.08 9.61
O2 SO4 C . 18.96 2.23 11.56
O3 SO4 C . 18.40 1.34 9.40
O4 SO4 C . 17.72 3.55 10.00
S SO4 D . 23.91 0.60 10.21
O1 SO4 D . 23.45 -0.76 10.52
O2 SO4 D . 25.04 0.94 11.08
O3 SO4 D . 24.32 0.68 8.80
O4 SO4 D . 22.81 1.55 10.45
P1 POP E . 24.48 -10.66 8.52
O1 POP E . 25.67 -11.28 7.83
O2 POP E . 24.99 -9.77 9.68
O3 POP E . 23.41 -11.60 8.98
O POP E . 23.80 -9.63 7.49
P2 POP E . 22.29 -9.36 7.02
O4 POP E . 21.42 -9.52 8.23
O5 POP E . 22.29 -7.87 6.52
O6 POP E . 21.97 -10.30 5.89
#